data_6IWV
#
_entry.id   6IWV
#
_cell.length_a   116.906
_cell.length_b   116.906
_cell.length_c   42.355
_cell.angle_alpha   90.00
_cell.angle_beta   90.00
_cell.angle_gamma   120.00
#
_symmetry.space_group_name_H-M   'P 63 2 2'
#
loop_
_entity.id
_entity.type
_entity.pdbx_description
1 polymer 'Single-stranded DNA-binding protein 2'
2 water water
#
_entity_poly.entity_id   1
_entity_poly.type   'polypeptide(L)'
_entity_poly.pdbx_seq_one_letter_code
;SAVPSDSQAREKLALYVYEYLLHVGAQKSAQTFLSEIRWEKNITLGEPPGFLHSWWCVFWDLYCAAPE
;
_entity_poly.pdbx_strand_id   A,B
#
# COMPACT_ATOMS: atom_id res chain seq x y z
N ALA A 2 24.50 0.70 3.64
CA ALA A 2 24.57 1.33 5.00
C ALA A 2 23.93 2.73 5.09
N VAL A 3 23.92 3.44 3.98
CA VAL A 3 23.32 4.74 3.87
C VAL A 3 22.15 4.57 2.92
N PRO A 4 20.96 4.48 3.50
CA PRO A 4 19.73 4.31 2.72
C PRO A 4 19.60 5.36 1.62
N SER A 5 18.93 5.00 0.54
CA SER A 5 18.75 5.92 -0.59
C SER A 5 17.31 6.42 -0.66
N ASP A 6 16.42 5.41 -0.57
CA ASP A 6 14.95 5.43 -0.65
C ASP A 6 14.36 5.42 0.76
N SER A 7 15.01 6.03 1.71
CA SER A 7 14.50 5.93 3.07
C SER A 7 13.17 6.66 3.21
N GLN A 8 13.12 7.91 2.78
CA GLN A 8 11.92 8.70 2.85
C GLN A 8 10.80 7.96 2.15
N ALA A 9 11.07 7.44 0.94
CA ALA A 9 10.01 6.78 0.15
C ALA A 9 9.40 5.63 0.92
N ARG A 10 10.25 4.83 1.56
CA ARG A 10 9.77 3.66 2.29
C ARG A 10 8.97 4.05 3.53
N GLU A 11 9.42 5.07 4.24
CA GLU A 11 8.69 5.60 5.39
C GLU A 11 7.31 6.08 4.96
N LYS A 12 7.26 6.85 3.88
CA LYS A 12 6.03 7.40 3.42
C LYS A 12 5.10 6.35 2.90
N LEU A 13 5.62 5.36 2.23
CA LEU A 13 4.78 4.26 1.77
C LEU A 13 4.09 3.59 2.95
N ALA A 14 4.85 3.33 4.01
CA ALA A 14 4.26 2.76 5.22
C ALA A 14 3.17 3.66 5.78
N LEU A 15 3.45 4.96 5.88
CA LEU A 15 2.45 5.90 6.39
C LEU A 15 1.16 5.80 5.58
N TYR A 16 1.31 5.80 4.27
CA TYR A 16 0.15 5.86 3.42
C TYR A 16 -0.58 4.52 3.28
N VAL A 17 0.15 3.42 3.46
CA VAL A 17 -0.49 2.13 3.58
C VAL A 17 -1.31 2.06 4.87
N TYR A 18 -0.74 2.51 5.97
CA TYR A 18 -1.49 2.60 7.22
C TYR A 18 -2.78 3.37 7.01
N GLU A 19 -2.70 4.52 6.36
CA GLU A 19 -3.88 5.34 6.11
C GLU A 19 -4.90 4.58 5.26
N TYR A 20 -4.39 3.93 4.20
CA TYR A 20 -5.23 3.14 3.32
C TYR A 20 -5.99 2.07 4.10
N LEU A 21 -5.27 1.38 4.98
CA LEU A 21 -5.87 0.31 5.76
C LEU A 21 -6.99 0.82 6.63
N LEU A 22 -6.78 1.97 7.24
CA LEU A 22 -7.84 2.58 8.04
C LEU A 22 -9.02 2.94 7.17
N HIS A 23 -8.73 3.55 6.02
CA HIS A 23 -9.80 4.01 5.16
C HIS A 23 -10.67 2.94 4.53
N VAL A 24 -10.10 1.75 4.29
CA VAL A 24 -10.89 0.64 3.76
C VAL A 24 -11.59 -0.19 4.85
N GLY A 25 -11.49 0.25 6.11
CA GLY A 25 -12.14 -0.39 7.21
C GLY A 25 -11.38 -1.54 7.82
N ALA A 26 -10.10 -1.63 7.51
CA ALA A 26 -9.22 -2.67 8.04
C ALA A 26 -8.42 -2.13 9.23
N GLN A 27 -9.14 -1.71 10.25
CA GLN A 27 -8.53 -1.10 11.42
C GLN A 27 -7.57 -2.02 12.14
N LYS A 28 -7.96 -3.27 12.33
CA LYS A 28 -7.07 -4.20 13.02
C LYS A 28 -5.79 -4.41 12.24
N SER A 29 -5.91 -4.49 10.91
CA SER A 29 -4.74 -4.64 10.05
CA SER A 29 -4.74 -4.65 10.06
C SER A 29 -3.81 -3.45 10.20
N ALA A 30 -4.41 -2.25 10.22
CA ALA A 30 -3.63 -1.01 10.34
C ALA A 30 -2.86 -0.97 11.66
N GLN A 31 -3.54 -1.30 12.74
CA GLN A 31 -2.92 -1.34 14.05
C GLN A 31 -1.80 -2.37 14.11
N THR A 32 -2.07 -3.57 13.61
CA THR A 32 -1.06 -4.60 13.64
C THR A 32 0.14 -4.24 12.75
N PHE A 33 -0.13 -3.57 11.64
CA PHE A 33 0.94 -3.09 10.76
C PHE A 33 1.94 -2.22 11.51
N LEU A 34 1.45 -1.22 12.24
CA LEU A 34 2.37 -0.34 12.94
C LEU A 34 3.18 -1.09 13.98
N SER A 35 2.56 -2.07 14.63
CA SER A 35 3.25 -2.89 15.59
C SER A 35 4.33 -3.72 14.95
N GLU A 36 3.98 -4.38 13.85
CA GLU A 36 4.92 -5.28 13.19
C GLU A 36 6.14 -4.56 12.62
N ILE A 37 5.95 -3.34 12.13
CA ILE A 37 7.06 -2.59 11.54
C ILE A 37 7.74 -1.67 12.57
N ARG A 38 7.28 -1.71 13.82
CA ARG A 38 7.91 -0.94 14.90
C ARG A 38 7.94 0.56 14.60
N TRP A 39 6.80 1.06 14.14
CA TRP A 39 6.68 2.45 13.76
C TRP A 39 6.94 3.37 14.94
N GLU A 40 7.80 4.37 14.72
CA GLU A 40 8.22 5.30 15.76
C GLU A 40 8.01 6.75 15.39
N LYS A 41 7.27 7.00 14.31
CA LYS A 41 7.08 8.36 13.81
C LYS A 41 5.67 8.85 14.11
N ASN A 42 5.44 10.13 13.83
CA ASN A 42 4.11 10.67 13.90
C ASN A 42 3.24 10.01 12.86
N ILE A 43 1.96 10.06 13.12
CA ILE A 43 0.94 9.63 12.22
C ILE A 43 0.14 10.90 12.00
N THR A 44 0.33 11.53 10.86
CA THR A 44 -0.51 12.68 10.47
C THR A 44 -1.20 12.31 9.17
N LEU A 45 -2.51 12.07 9.28
CA LEU A 45 -3.38 11.68 8.18
C LEU A 45 -4.03 12.90 7.50
N GLY A 46 -4.03 12.94 6.17
CA GLY A 46 -4.60 14.06 5.43
C GLY A 46 -6.09 13.91 5.25
N GLU A 47 -6.67 14.83 4.46
CA GLU A 47 -8.09 14.76 4.12
C GLU A 47 -8.30 13.55 3.20
N PRO A 48 -9.31 12.71 3.44
CA PRO A 48 -9.52 11.61 2.51
C PRO A 48 -10.08 12.20 1.20
N PRO A 49 -10.04 11.51 0.00
CA PRO A 49 -9.47 10.16 0.04
C PRO A 49 -7.98 10.24 0.33
N GLY A 50 -7.45 9.16 0.83
CA GLY A 50 -6.05 9.10 1.21
C GLY A 50 -5.09 9.15 0.05
N PHE A 51 -3.84 9.39 0.38
CA PHE A 51 -2.82 9.57 -0.63
C PHE A 51 -2.67 8.32 -1.50
N LEU A 52 -2.66 7.15 -0.88
CA LEU A 52 -2.38 5.95 -1.65
C LEU A 52 -3.48 5.67 -2.66
N HIS A 53 -4.73 5.82 -2.24
CA HIS A 53 -5.82 5.58 -3.18
CA HIS A 53 -5.92 5.66 -3.13
C HIS A 53 -5.77 6.58 -4.33
N SER A 54 -5.54 7.85 -4.01
CA SER A 54 -5.43 8.88 -5.04
C SER A 54 -4.30 8.57 -6.02
N TRP A 55 -3.16 8.22 -5.46
CA TRP A 55 -1.98 7.90 -6.26
C TRP A 55 -2.23 6.69 -7.13
N TRP A 56 -2.84 5.68 -6.52
CA TRP A 56 -3.12 4.48 -7.25
C TRP A 56 -4.01 4.69 -8.45
N CYS A 57 -5.05 5.53 -8.30
N CYS A 57 -5.04 5.53 -8.32
CA CYS A 57 -5.98 5.86 -9.38
CA CYS A 57 -5.95 5.79 -9.43
C CYS A 57 -5.19 6.29 -10.62
C CYS A 57 -5.20 6.30 -10.65
N VAL A 58 -4.26 7.21 -10.42
CA VAL A 58 -3.47 7.76 -11.53
C VAL A 58 -2.45 6.74 -12.04
N PHE A 59 -1.77 6.10 -11.09
CA PHE A 59 -0.78 5.11 -11.45
C PHE A 59 -1.40 4.00 -12.30
N TRP A 60 -2.53 3.51 -11.84
CA TRP A 60 -3.18 2.40 -12.50
C TRP A 60 -3.65 2.82 -13.88
N ASP A 61 -4.14 4.06 -14.02
CA ASP A 61 -4.53 4.61 -15.32
C ASP A 61 -3.34 4.56 -16.29
N LEU A 62 -2.17 4.99 -15.82
CA LEU A 62 -0.99 5.01 -16.68
C LEU A 62 -0.45 3.61 -16.97
N TYR A 63 -0.49 2.74 -15.97
CA TYR A 63 -0.08 1.37 -16.15
C TYR A 63 -0.92 0.67 -17.23
N CYS A 64 -2.23 0.88 -17.17
CA CYS A 64 -3.15 0.27 -18.13
C CYS A 64 -3.10 0.91 -19.52
N ALA A 65 -2.73 2.20 -19.59
CA ALA A 65 -2.52 2.89 -20.87
C ALA A 65 -1.34 2.28 -21.60
N ALA A 66 -1.32 2.42 -22.92
CA ALA A 66 -0.19 1.94 -23.69
C ALA A 66 -0.09 2.68 -25.02
N PRO A 67 1.15 2.83 -25.54
CA PRO A 67 1.37 3.46 -26.84
C PRO A 67 0.81 2.66 -28.02
N VAL B 3 -10.16 4.92 -18.05
CA VAL B 3 -10.40 3.65 -18.73
C VAL B 3 -10.56 2.45 -17.81
N PRO B 4 -9.46 2.11 -17.01
CA PRO B 4 -9.68 0.94 -16.14
C PRO B 4 -10.85 1.23 -15.24
N SER B 5 -11.67 0.23 -14.94
CA SER B 5 -12.82 0.50 -14.07
C SER B 5 -12.36 0.81 -12.65
N ASP B 6 -13.18 1.55 -11.91
CA ASP B 6 -12.92 1.88 -10.50
C ASP B 6 -12.82 0.60 -9.64
N SER B 7 -13.71 -0.36 -9.92
CA SER B 7 -13.71 -1.69 -9.29
C SER B 7 -12.39 -2.46 -9.45
N GLN B 8 -11.91 -2.56 -10.70
CA GLN B 8 -10.64 -3.22 -11.03
C GLN B 8 -9.47 -2.54 -10.31
N ALA B 9 -9.40 -1.21 -10.41
CA ALA B 9 -8.36 -0.45 -9.72
C ALA B 9 -8.31 -0.74 -8.21
N ARG B 10 -9.49 -0.69 -7.56
CA ARG B 10 -9.59 -0.97 -6.11
C ARG B 10 -9.12 -2.40 -5.76
N GLU B 11 -9.56 -3.38 -6.52
CA GLU B 11 -9.20 -4.78 -6.27
C GLU B 11 -7.68 -4.99 -6.39
N LYS B 12 -7.11 -4.42 -7.44
CA LYS B 12 -5.67 -4.55 -7.66
C LYS B 12 -4.89 -3.84 -6.57
N LEU B 13 -5.36 -2.68 -6.11
CA LEU B 13 -4.69 -2.00 -5.02
C LEU B 13 -4.66 -2.89 -3.77
N ALA B 14 -5.79 -3.50 -3.43
CA ALA B 14 -5.85 -4.39 -2.27
C ALA B 14 -4.86 -5.54 -2.41
N LEU B 15 -4.82 -6.15 -3.59
CA LEU B 15 -3.91 -7.25 -3.86
C LEU B 15 -2.47 -6.81 -3.66
N TYR B 16 -2.13 -5.65 -4.19
CA TYR B 16 -0.76 -5.20 -4.08
C TYR B 16 -0.37 -4.66 -2.72
N VAL B 17 -1.34 -4.14 -1.97
CA VAL B 17 -1.11 -3.80 -0.56
C VAL B 17 -0.85 -5.08 0.25
N TYR B 18 -1.64 -6.13 0.01
CA TYR B 18 -1.43 -7.42 0.66
C TYR B 18 0.01 -7.88 0.41
N GLU B 19 0.45 -7.81 -0.84
CA GLU B 19 1.82 -8.22 -1.17
C GLU B 19 2.83 -7.37 -0.42
N TYR B 20 2.63 -6.06 -0.42
CA TYR B 20 3.49 -5.13 0.28
C TYR B 20 3.62 -5.52 1.74
N LEU B 21 2.49 -5.83 2.39
CA LEU B 21 2.49 -6.13 3.81
C LEU B 21 3.28 -7.41 4.08
N LEU B 22 3.11 -8.41 3.23
CA LEU B 22 3.91 -9.61 3.39
C LEU B 22 5.39 -9.32 3.27
N HIS B 23 5.76 -8.60 2.22
CA HIS B 23 7.19 -8.40 1.97
C HIS B 23 7.89 -7.49 2.95
N VAL B 24 7.14 -6.58 3.56
CA VAL B 24 7.70 -5.69 4.56
C VAL B 24 7.80 -6.39 5.93
N GLY B 25 7.29 -7.62 6.03
CA GLY B 25 7.40 -8.39 7.25
C GLY B 25 6.22 -8.24 8.18
N ALA B 26 5.10 -7.78 7.66
CA ALA B 26 3.91 -7.58 8.47
C ALA B 26 2.88 -8.66 8.09
N GLN B 27 3.25 -10.17 8.38
CA GLN B 27 2.25 -11.14 7.96
C GLN B 27 0.96 -11.10 8.75
N LYS B 28 1.10 -10.79 10.03
CA LYS B 28 -0.15 -10.80 10.79
C LYS B 28 -1.08 -9.73 10.23
N SER B 29 -0.53 -8.57 9.90
CA SER B 29 -1.33 -7.52 9.33
CA SER B 29 -1.35 -7.48 9.32
C SER B 29 -1.94 -7.93 7.99
N ALA B 30 -1.14 -8.59 7.18
CA ALA B 30 -1.59 -9.02 5.87
C ALA B 30 -2.75 -9.98 5.97
N GLN B 31 -2.63 -10.94 6.87
CA GLN B 31 -3.69 -11.92 7.04
C GLN B 31 -4.95 -11.28 7.58
N THR B 32 -4.80 -10.35 8.51
CA THR B 32 -5.93 -9.64 9.07
C THR B 32 -6.62 -8.81 7.99
N PHE B 33 -5.82 -8.20 7.11
CA PHE B 33 -6.34 -7.40 6.01
C PHE B 33 -7.29 -8.18 5.15
N LEU B 34 -6.89 -9.37 4.73
CA LEU B 34 -7.75 -10.18 3.89
C LEU B 34 -9.06 -10.52 4.59
N SER B 35 -8.98 -10.77 5.89
CA SER B 35 -10.17 -11.06 6.68
C SER B 35 -11.07 -9.83 6.78
N GLU B 36 -10.48 -8.67 7.03
CA GLU B 36 -11.27 -7.45 7.24
C GLU B 36 -11.97 -6.95 5.98
N ILE B 37 -11.36 -7.17 4.83
CA ILE B 37 -11.96 -6.80 3.56
C ILE B 37 -12.74 -7.93 2.90
N ARG B 38 -12.83 -9.08 3.59
CA ARG B 38 -13.62 -10.23 3.15
C ARG B 38 -13.15 -10.69 1.76
N TRP B 39 -11.84 -10.75 1.58
CA TRP B 39 -11.26 -11.15 0.31
C TRP B 39 -11.53 -12.59 0.15
N GLU B 40 -12.14 -12.89 -0.96
CA GLU B 40 -12.49 -14.23 -1.27
C GLU B 40 -11.70 -14.83 -2.41
N LYS B 41 -11.29 -14.02 -3.36
CA LYS B 41 -10.55 -14.50 -4.50
C LYS B 41 -9.19 -15.09 -4.24
N ASN B 42 -8.65 -15.61 -5.32
CA ASN B 42 -7.31 -16.12 -5.40
C ASN B 42 -6.24 -15.16 -4.93
N ILE B 43 -5.37 -15.63 -4.07
CA ILE B 43 -4.31 -14.80 -3.61
C ILE B 43 -3.02 -15.22 -4.23
N THR B 44 -2.40 -14.32 -4.96
CA THR B 44 -1.09 -14.55 -5.49
C THR B 44 -0.26 -13.30 -5.27
N LEU B 45 1.04 -13.49 -5.31
CA LEU B 45 1.99 -12.43 -5.17
C LEU B 45 3.29 -12.87 -5.81
N GLY B 46 4.21 -11.94 -5.94
CA GLY B 46 5.49 -12.16 -6.58
C GLY B 46 6.67 -11.85 -5.68
N GLU B 47 7.81 -11.60 -6.31
CA GLU B 47 9.04 -11.34 -5.60
C GLU B 47 9.06 -10.08 -4.80
N PRO B 48 9.77 -10.10 -3.68
CA PRO B 48 9.88 -8.90 -2.83
C PRO B 48 10.68 -7.83 -3.59
N PRO B 49 10.51 -6.47 -3.29
CA PRO B 49 9.53 -6.15 -2.24
C PRO B 49 8.09 -6.12 -2.75
N GLY B 50 7.90 -6.16 -4.07
CA GLY B 50 6.58 -6.13 -4.60
C GLY B 50 6.37 -4.99 -5.55
N PHE B 51 5.27 -5.12 -6.29
CA PHE B 51 4.90 -4.19 -7.34
C PHE B 51 4.68 -2.77 -6.79
N LEU B 52 3.91 -2.68 -5.71
CA LEU B 52 3.63 -1.38 -5.13
C LEU B 52 4.90 -0.69 -4.64
N HIS B 53 5.71 -1.39 -3.88
CA HIS B 53 6.94 -0.81 -3.37
C HIS B 53 7.81 -0.32 -4.50
N SER B 54 7.95 -1.14 -5.52
CA SER B 54 8.87 -0.86 -6.60
C SER B 54 8.49 0.43 -7.31
N TRP B 55 7.24 0.52 -7.69
CA TRP B 55 6.78 1.69 -8.41
C TRP B 55 6.63 2.91 -7.52
N TRP B 56 6.20 2.71 -6.28
CA TRP B 56 6.11 3.81 -5.34
C TRP B 56 7.43 4.55 -5.20
N CYS B 57 8.50 3.79 -5.00
CA CYS B 57 9.78 4.41 -4.68
C CYS B 57 10.35 5.17 -5.85
N VAL B 58 10.19 4.63 -7.05
CA VAL B 58 10.71 5.33 -8.23
C VAL B 58 10.00 6.65 -8.44
N PHE B 59 8.68 6.68 -8.21
CA PHE B 59 7.95 7.94 -8.37
C PHE B 59 8.25 8.89 -7.22
N TRP B 60 8.36 8.37 -6.00
CA TRP B 60 8.62 9.24 -4.85
C TRP B 60 9.91 10.02 -5.08
N ASP B 61 10.94 9.32 -5.53
CA ASP B 61 12.26 9.93 -5.79
CA ASP B 61 12.24 9.95 -5.76
C ASP B 61 12.19 11.10 -6.77
N LEU B 62 11.28 11.04 -7.74
CA LEU B 62 11.14 12.14 -8.71
C LEU B 62 10.75 13.42 -8.06
N TYR B 63 9.79 13.34 -7.14
CA TYR B 63 9.17 14.53 -6.60
C TYR B 63 9.83 15.05 -5.33
N CYS B 64 10.72 14.25 -4.77
CA CYS B 64 11.85 14.78 -3.98
C CYS B 64 12.82 15.58 -4.85
#